data_2Z4Z
#
_entry.id   2Z4Z
#
_cell.length_a   47.611
_cell.length_b   116.339
_cell.length_c   129.033
_cell.angle_alpha   90.00
_cell.angle_beta   90.00
_cell.angle_gamma   90.00
#
_symmetry.space_group_name_H-M   'P 21 21 21'
#
loop_
_entity.id
_entity.type
_entity.pdbx_description
1 polymer 'Geranylgeranyl pyrophosphate synthetase'
2 non-polymer 'MAGNESIUM ION'
3 non-polymer '(6E,11E)-HEPTADECA-6,11-DIENE-9,9-DIYLBIS(PHOSPHONIC ACID)'
4 water water
#
_entity_poly.entity_id   1
_entity_poly.type   'polypeptide(L)'
_entity_poly.pdbx_seq_one_letter_code
;MTKNKMEAKIDELINNDPVWSSQNESLISKPYNHILLKPGKNFRLNLIVQINRVMNLPKDQLAIVSQIVELLHNSSLLID
DIEDNAPLRRGQTTSHLIFGVPSTINTANYMYFRAMQLVSQLTTKEPLYHNLITIFNEELINLHRGQGLDIYWRDFLPEI
IPTQEMYLNMVMNKTGGLFRLTLRLMEALSPSSHHGHSLVPFINLLGIIYQIRDDYLNLKDFQMSSEKGFAEDITEGKLS
FPIVHALNFTKTKGQTEQHNEILRILLLRTSDKDIKLKLIQILEFDTNSLAYTKNFINQLVNMIKNDNENKYLPDLASHS
DTATNLHDELLYIIDHLSEL
;
_entity_poly.pdbx_strand_id   A,B
#
# COMPACT_ATOMS: atom_id res chain seq x y z
N ASN A 4 6.65 -29.32 -29.24
CA ASN A 4 5.88 -29.76 -28.04
C ASN A 4 6.64 -29.42 -26.76
N LYS A 5 7.89 -29.00 -26.91
CA LYS A 5 8.71 -28.67 -25.75
C LYS A 5 8.21 -27.40 -25.07
N MET A 6 7.68 -26.47 -25.86
CA MET A 6 7.16 -25.22 -25.32
C MET A 6 5.91 -25.49 -24.50
N GLU A 7 4.98 -26.20 -25.13
CA GLU A 7 3.72 -26.60 -24.51
C GLU A 7 4.05 -27.31 -23.19
N ALA A 8 5.03 -28.20 -23.27
CA ALA A 8 5.47 -28.97 -22.13
C ALA A 8 6.01 -28.10 -21.01
N LYS A 9 6.74 -27.06 -21.38
CA LYS A 9 7.30 -26.17 -20.36
C LYS A 9 6.13 -25.37 -19.81
N ILE A 10 5.29 -24.87 -20.70
CA ILE A 10 4.11 -24.09 -20.31
C ILE A 10 3.21 -24.95 -19.40
N ASP A 11 2.96 -26.18 -19.82
CA ASP A 11 2.13 -27.06 -18.99
C ASP A 11 2.73 -27.15 -17.57
N GLU A 12 4.03 -27.35 -17.49
CA GLU A 12 4.71 -27.42 -16.19
C GLU A 12 4.55 -26.11 -15.40
N LEU A 13 4.84 -24.99 -16.07
CA LEU A 13 4.76 -23.68 -15.44
C LEU A 13 3.36 -23.44 -14.80
N ILE A 14 2.31 -23.73 -15.55
CA ILE A 14 0.98 -23.47 -15.03
C ILE A 14 0.43 -24.48 -14.03
N ASN A 15 1.01 -25.66 -13.93
CA ASN A 15 0.50 -26.64 -12.99
C ASN A 15 1.28 -26.64 -11.71
N ASN A 16 2.05 -25.58 -11.50
CA ASN A 16 2.85 -25.44 -10.31
C ASN A 16 2.66 -24.05 -9.71
N ASP A 17 3.11 -23.90 -8.46
CA ASP A 17 3.03 -22.61 -7.83
C ASP A 17 3.99 -21.68 -8.55
N PRO A 18 3.77 -20.38 -8.40
CA PRO A 18 4.69 -19.44 -9.05
C PRO A 18 6.07 -19.61 -8.42
N VAL A 19 7.09 -19.57 -9.26
CA VAL A 19 8.49 -19.67 -8.85
C VAL A 19 8.95 -18.32 -8.22
N TRP A 20 9.69 -18.42 -7.11
CA TRP A 20 10.17 -17.22 -6.41
C TRP A 20 11.36 -17.64 -5.59
N SER A 21 12.50 -17.04 -5.87
CA SER A 21 13.72 -17.38 -5.16
C SER A 21 14.07 -16.45 -4.00
N SER A 22 14.96 -16.94 -3.14
CA SER A 22 15.46 -16.16 -2.03
C SER A 22 16.21 -14.95 -2.64
N GLN A 23 16.79 -15.12 -3.82
CA GLN A 23 17.47 -14.00 -4.47
C GLN A 23 16.40 -12.92 -4.81
N ASN A 24 15.31 -13.36 -5.43
CA ASN A 24 14.20 -12.45 -5.77
C ASN A 24 13.76 -11.74 -4.46
N GLU A 25 13.61 -12.51 -3.39
CA GLU A 25 13.19 -11.96 -2.11
C GLU A 25 14.14 -10.87 -1.58
N SER A 26 15.46 -11.05 -1.72
CA SER A 26 16.38 -10.00 -1.25
C SER A 26 16.30 -8.75 -2.14
N LEU A 27 16.23 -8.92 -3.47
CA LEU A 27 16.13 -7.72 -4.34
C LEU A 27 14.93 -6.84 -3.99
N ILE A 28 13.76 -7.42 -3.76
CA ILE A 28 12.66 -6.55 -3.44
C ILE A 28 12.59 -6.12 -1.96
N SER A 29 13.57 -6.54 -1.15
CA SER A 29 13.55 -6.15 0.25
C SER A 29 14.43 -4.95 0.51
N LYS A 30 15.14 -4.48 -0.53
CA LYS A 30 16.04 -3.35 -0.35
C LYS A 30 15.49 -2.14 0.39
N PRO A 31 14.36 -1.56 -0.08
CA PRO A 31 13.80 -0.39 0.62
C PRO A 31 13.52 -0.70 2.09
N TYR A 32 13.08 -1.93 2.38
CA TYR A 32 12.76 -2.28 3.78
C TYR A 32 14.02 -2.49 4.62
N ASN A 33 15.00 -3.25 4.11
CA ASN A 33 16.23 -3.45 4.90
C ASN A 33 16.86 -2.10 5.24
N HIS A 34 16.71 -1.14 4.34
CA HIS A 34 17.31 0.17 4.60
C HIS A 34 16.72 0.93 5.81
N ILE A 35 15.40 0.96 5.94
CA ILE A 35 14.85 1.72 7.07
C ILE A 35 15.07 1.00 8.40
N LEU A 36 15.43 -0.28 8.35
CA LEU A 36 15.68 -1.01 9.61
C LEU A 36 16.91 -0.45 10.32
N LEU A 37 17.84 0.09 9.52
CA LEU A 37 19.07 0.66 10.06
C LEU A 37 18.78 1.89 10.90
N LYS A 38 17.51 2.13 11.22
CA LYS A 38 17.13 3.27 12.04
C LYS A 38 16.77 2.78 13.45
N PRO A 39 17.11 3.58 14.47
CA PRO A 39 16.80 3.17 15.85
C PRO A 39 15.35 3.33 16.31
N GLY A 40 15.14 3.03 17.60
CA GLY A 40 13.81 3.12 18.18
C GLY A 40 13.23 1.77 18.55
N LYS A 41 13.56 0.75 17.76
CA LYS A 41 13.07 -0.62 17.95
C LYS A 41 13.04 -1.05 19.41
N ASN A 42 14.12 -0.75 20.11
CA ASN A 42 14.23 -1.05 21.52
C ASN A 42 13.06 -0.42 22.27
N PHE A 43 12.80 0.86 22.02
CA PHE A 43 11.73 1.58 22.69
C PHE A 43 10.31 1.13 22.42
N ARG A 44 10.06 0.67 21.20
CA ARG A 44 8.73 0.20 20.89
C ARG A 44 8.60 -1.14 21.60
N LEU A 45 9.74 -1.84 21.73
CA LEU A 45 9.70 -3.13 22.40
C LEU A 45 9.48 -2.91 23.87
N ASN A 46 10.09 -1.85 24.39
CA ASN A 46 9.92 -1.55 25.80
C ASN A 46 8.44 -1.33 26.18
N LEU A 47 7.67 -0.64 25.32
CA LEU A 47 6.24 -0.37 25.58
C LEU A 47 5.46 -1.70 25.59
N ILE A 48 5.75 -2.55 24.64
CA ILE A 48 5.11 -3.84 24.55
C ILE A 48 5.45 -4.63 25.83
N VAL A 49 6.72 -4.61 26.21
CA VAL A 49 7.18 -5.34 27.38
C VAL A 49 6.40 -4.92 28.62
N GLN A 50 6.27 -3.60 28.85
CA GLN A 50 5.55 -3.09 29.99
C GLN A 50 4.07 -3.43 29.95
N ILE A 51 3.48 -3.30 28.78
CA ILE A 51 2.07 -3.62 28.60
C ILE A 51 1.90 -5.10 28.92
N ASN A 52 2.90 -5.89 28.59
CA ASN A 52 2.78 -7.31 28.82
C ASN A 52 2.77 -7.68 30.32
N ARG A 53 3.31 -6.82 31.18
CA ARG A 53 3.26 -7.12 32.61
C ARG A 53 1.79 -7.22 32.99
N VAL A 54 0.91 -6.63 32.18
CA VAL A 54 -0.51 -6.67 32.46
C VAL A 54 -1.14 -7.84 31.70
N MET A 55 -0.75 -8.00 30.43
CA MET A 55 -1.35 -9.03 29.58
C MET A 55 -0.84 -10.50 29.76
N ASN A 56 0.41 -10.65 30.15
CA ASN A 56 1.03 -11.96 30.39
C ASN A 56 1.05 -12.93 29.19
N LEU A 57 1.29 -12.42 27.98
CA LEU A 57 1.37 -13.28 26.81
C LEU A 57 2.69 -14.02 26.95
N PRO A 58 2.75 -15.29 26.52
CA PRO A 58 4.02 -16.02 26.60
C PRO A 58 5.00 -15.31 25.65
N LYS A 59 6.31 -15.44 25.91
CA LYS A 59 7.32 -14.79 25.11
C LYS A 59 7.37 -15.19 23.64
N ASP A 60 6.95 -16.41 23.33
CA ASP A 60 6.92 -16.86 21.94
C ASP A 60 5.90 -15.98 21.17
N GLN A 61 4.69 -15.91 21.72
CA GLN A 61 3.61 -15.14 21.13
C GLN A 61 3.92 -13.66 21.10
N LEU A 62 4.48 -13.17 22.19
CA LEU A 62 4.79 -11.75 22.27
C LEU A 62 5.81 -11.39 21.18
N ALA A 63 6.71 -12.32 20.88
CA ALA A 63 7.74 -12.07 19.86
C ALA A 63 7.06 -11.87 18.49
N ILE A 64 6.10 -12.74 18.16
CA ILE A 64 5.36 -12.65 16.91
C ILE A 64 4.53 -11.34 16.84
N VAL A 65 3.92 -10.93 17.96
CA VAL A 65 3.13 -9.70 17.96
C VAL A 65 4.04 -8.53 17.61
N SER A 66 5.23 -8.56 18.18
CA SER A 66 6.23 -7.54 17.98
C SER A 66 6.74 -7.54 16.50
N GLN A 67 6.81 -8.70 15.86
CA GLN A 67 7.26 -8.74 14.48
C GLN A 67 6.17 -8.12 13.61
N ILE A 68 4.91 -8.42 13.95
CA ILE A 68 3.82 -7.90 13.15
C ILE A 68 3.83 -6.38 13.23
N VAL A 69 3.86 -5.85 14.44
CA VAL A 69 3.84 -4.42 14.66
C VAL A 69 5.04 -3.71 14.08
N GLU A 70 6.19 -4.35 14.12
CA GLU A 70 7.39 -3.75 13.58
C GLU A 70 7.29 -3.70 12.06
N LEU A 71 6.79 -4.76 11.43
CA LEU A 71 6.66 -4.72 9.98
C LEU A 71 5.69 -3.59 9.58
N LEU A 72 4.56 -3.48 10.29
CA LEU A 72 3.60 -2.47 9.97
C LEU A 72 4.14 -1.10 10.22
N HIS A 73 4.90 -0.97 11.30
CA HIS A 73 5.47 0.30 11.67
C HIS A 73 6.40 0.78 10.57
N ASN A 74 7.39 -0.04 10.24
CA ASN A 74 8.36 0.37 9.25
C ASN A 74 7.79 0.59 7.86
N SER A 75 6.84 -0.24 7.45
CA SER A 75 6.21 -0.08 6.13
C SER A 75 5.41 1.23 6.09
N SER A 76 4.66 1.52 7.15
CA SER A 76 3.89 2.76 7.22
C SER A 76 4.79 3.96 7.06
N LEU A 77 5.96 3.90 7.70
CA LEU A 77 6.93 4.99 7.62
C LEU A 77 7.45 5.18 6.22
N LEU A 78 7.74 4.07 5.52
CA LEU A 78 8.25 4.17 4.13
C LEU A 78 7.23 4.91 3.24
N ILE A 79 5.96 4.55 3.39
CA ILE A 79 4.85 5.13 2.62
C ILE A 79 4.70 6.59 3.02
N ASP A 80 4.68 6.82 4.32
CA ASP A 80 4.56 8.15 4.88
C ASP A 80 5.64 9.11 4.35
N ASP A 81 6.90 8.64 4.31
CA ASP A 81 7.95 9.50 3.78
C ASP A 81 7.75 9.81 2.30
N ILE A 82 7.19 8.88 1.53
CA ILE A 82 6.91 9.18 0.10
C ILE A 82 5.77 10.23 0.06
N GLU A 83 4.70 9.95 0.79
CA GLU A 83 3.52 10.86 0.81
C GLU A 83 3.88 12.26 1.30
N ASP A 84 4.94 12.34 2.11
CA ASP A 84 5.36 13.62 2.70
C ASP A 84 6.54 14.26 1.96
N ASN A 85 7.08 13.56 0.96
CA ASN A 85 8.25 14.02 0.21
C ASN A 85 9.42 14.28 1.19
N ALA A 86 9.59 13.37 2.15
CA ALA A 86 10.64 13.54 3.15
C ALA A 86 12.02 13.08 2.67
N PRO A 87 13.01 13.94 2.85
CA PRO A 87 14.36 13.56 2.41
C PRO A 87 15.16 12.74 3.47
N LEU A 88 14.76 12.85 4.71
CA LEU A 88 15.52 12.17 5.76
C LEU A 88 14.58 11.57 6.74
N ARG A 89 15.08 10.56 7.44
CA ARG A 89 14.30 9.88 8.48
C ARG A 89 15.37 9.43 9.51
N ARG A 90 15.32 9.97 10.71
CA ARG A 90 16.32 9.64 11.74
C ARG A 90 17.73 9.91 11.18
N GLY A 91 17.92 11.08 10.60
CA GLY A 91 19.23 11.40 10.07
C GLY A 91 19.77 10.69 8.83
N GLN A 92 19.04 9.74 8.24
CA GLN A 92 19.51 9.03 7.04
C GLN A 92 18.57 9.30 5.84
N THR A 93 19.08 9.16 4.63
CA THR A 93 18.28 9.36 3.42
C THR A 93 17.10 8.39 3.39
N THR A 94 15.95 8.89 2.97
CA THR A 94 14.75 8.05 2.93
C THR A 94 14.93 7.05 1.84
N SER A 95 14.29 5.89 2.00
CA SER A 95 14.42 4.88 0.97
C SER A 95 13.98 5.25 -0.41
N HIS A 96 12.89 6.00 -0.52
CA HIS A 96 12.43 6.28 -1.88
C HIS A 96 13.45 7.07 -2.69
N LEU A 97 14.32 7.81 -2.01
CA LEU A 97 15.32 8.60 -2.74
C LEU A 97 16.46 7.70 -3.18
N ILE A 98 16.60 6.55 -2.55
CA ILE A 98 17.68 5.64 -2.93
C ILE A 98 17.21 4.65 -4.00
N PHE A 99 16.14 3.94 -3.68
CA PHE A 99 15.62 2.91 -4.58
C PHE A 99 14.47 3.37 -5.47
N GLY A 100 14.06 4.64 -5.31
CA GLY A 100 12.98 5.16 -6.12
C GLY A 100 11.62 4.92 -5.48
N VAL A 101 10.69 5.81 -5.79
CA VAL A 101 9.35 5.68 -5.28
C VAL A 101 8.69 4.38 -5.70
N PRO A 102 8.83 3.96 -6.98
CA PRO A 102 8.17 2.71 -7.36
C PRO A 102 8.48 1.50 -6.50
N SER A 103 9.75 1.14 -6.40
CA SER A 103 10.13 0.02 -5.54
C SER A 103 9.73 0.22 -4.08
N THR A 104 9.84 1.44 -3.56
CA THR A 104 9.53 1.66 -2.17
C THR A 104 8.00 1.49 -1.87
N ILE A 105 7.14 1.97 -2.74
CA ILE A 105 5.72 1.76 -2.52
C ILE A 105 5.45 0.24 -2.55
N ASN A 106 5.91 -0.44 -3.59
CA ASN A 106 5.66 -1.87 -3.69
C ASN A 106 6.14 -2.68 -2.48
N THR A 107 7.37 -2.41 -2.07
CA THR A 107 7.95 -3.12 -0.96
C THR A 107 7.19 -2.87 0.30
N ALA A 108 6.84 -1.60 0.55
CA ALA A 108 6.10 -1.30 1.78
C ALA A 108 4.77 -2.03 1.80
N ASN A 109 4.10 -2.02 0.63
CA ASN A 109 2.80 -2.68 0.56
C ASN A 109 2.99 -4.17 0.73
N TYR A 110 4.08 -4.71 0.16
CA TYR A 110 4.39 -6.14 0.28
C TYR A 110 4.47 -6.51 1.75
N MET A 111 5.14 -5.67 2.54
CA MET A 111 5.29 -5.95 3.97
C MET A 111 4.01 -5.83 4.79
N TYR A 112 3.00 -5.13 4.27
CA TYR A 112 1.71 -5.09 4.96
C TYR A 112 1.17 -6.52 4.89
N PHE A 113 1.29 -7.14 3.72
CA PHE A 113 0.77 -8.49 3.58
C PHE A 113 1.58 -9.57 4.29
N ARG A 114 2.87 -9.32 4.50
CA ARG A 114 3.69 -10.29 5.22
C ARG A 114 3.25 -10.17 6.67
N ALA A 115 3.08 -8.95 7.16
CA ALA A 115 2.60 -8.76 8.52
C ALA A 115 1.28 -9.53 8.69
N MET A 116 0.39 -9.39 7.71
CA MET A 116 -0.90 -10.05 7.79
C MET A 116 -0.72 -11.56 7.91
N GLN A 117 0.15 -12.11 7.07
CA GLN A 117 0.41 -13.53 7.02
C GLN A 117 0.84 -14.00 8.41
N LEU A 118 1.77 -13.28 9.05
CA LEU A 118 2.21 -13.65 10.39
C LEU A 118 1.11 -13.84 11.45
N VAL A 119 -0.03 -13.17 11.28
CA VAL A 119 -1.11 -13.29 12.28
C VAL A 119 -1.53 -14.74 12.48
N SER A 120 -1.36 -15.57 11.45
CA SER A 120 -1.71 -16.99 11.53
C SER A 120 -0.80 -17.69 12.49
N GLN A 121 0.36 -17.13 12.74
CA GLN A 121 1.23 -17.79 13.67
C GLN A 121 0.91 -17.45 15.10
N LEU A 122 -0.19 -16.76 15.37
CA LEU A 122 -0.42 -16.44 16.77
C LEU A 122 -1.24 -17.49 17.51
N THR A 123 -2.11 -18.20 16.79
CA THR A 123 -2.98 -19.22 17.35
C THR A 123 -3.48 -20.22 16.32
N THR A 124 -3.97 -21.36 16.80
CA THR A 124 -4.55 -22.35 15.92
C THR A 124 -6.07 -22.27 16.16
N LYS A 125 -6.47 -21.64 17.26
CA LYS A 125 -7.88 -21.47 17.61
C LYS A 125 -8.55 -20.56 16.61
N GLU A 126 -9.42 -21.12 15.77
CA GLU A 126 -10.11 -20.32 14.74
C GLU A 126 -10.94 -19.14 15.22
N PRO A 127 -11.59 -19.27 16.39
CA PRO A 127 -12.37 -18.09 16.80
C PRO A 127 -11.43 -16.92 17.14
N LEU A 128 -10.31 -17.25 17.79
CA LEU A 128 -9.34 -16.23 18.17
C LEU A 128 -8.71 -15.66 16.88
N TYR A 129 -8.32 -16.56 15.97
CA TYR A 129 -7.72 -16.15 14.72
C TYR A 129 -8.55 -15.09 14.05
N HIS A 130 -9.84 -15.39 13.92
CA HIS A 130 -10.82 -14.51 13.33
C HIS A 130 -10.80 -13.17 14.06
N ASN A 131 -10.75 -13.22 15.38
CA ASN A 131 -10.73 -11.97 16.12
C ASN A 131 -9.45 -11.14 15.87
N LEU A 132 -8.29 -11.80 15.82
CA LEU A 132 -7.05 -11.07 15.59
C LEU A 132 -7.03 -10.39 14.20
N ILE A 133 -7.37 -11.13 13.13
CA ILE A 133 -7.40 -10.54 11.78
C ILE A 133 -8.40 -9.39 11.71
N THR A 134 -9.50 -9.50 12.45
CA THR A 134 -10.49 -8.44 12.43
C THR A 134 -9.88 -7.19 13.04
N ILE A 135 -9.10 -7.36 14.12
CA ILE A 135 -8.45 -6.25 14.78
C ILE A 135 -7.44 -5.62 13.83
N PHE A 136 -6.66 -6.48 13.19
CA PHE A 136 -5.64 -6.10 12.22
C PHE A 136 -6.34 -5.30 11.12
N ASN A 137 -7.38 -5.90 10.53
CA ASN A 137 -8.12 -5.22 9.44
C ASN A 137 -8.70 -3.81 9.88
N GLU A 138 -9.37 -3.77 11.03
CA GLU A 138 -9.96 -2.53 11.56
C GLU A 138 -9.00 -1.37 11.79
N GLU A 139 -7.91 -1.63 12.47
CA GLU A 139 -6.98 -0.55 12.74
C GLU A 139 -6.21 -0.14 11.49
N LEU A 140 -6.04 -1.03 10.50
CA LEU A 140 -5.35 -0.62 9.30
C LEU A 140 -6.34 0.24 8.51
N ILE A 141 -7.64 -0.04 8.65
CA ILE A 141 -8.64 0.78 8.00
C ILE A 141 -8.62 2.12 8.71
N ASN A 142 -8.59 2.13 10.03
CA ASN A 142 -8.54 3.41 10.73
C ASN A 142 -7.30 4.26 10.41
N LEU A 143 -6.14 3.61 10.36
CA LEU A 143 -4.87 4.26 10.06
C LEU A 143 -4.95 4.97 8.69
N HIS A 144 -5.42 4.27 7.69
CA HIS A 144 -5.52 4.87 6.36
C HIS A 144 -6.54 6.00 6.32
N ARG A 145 -7.63 5.90 7.08
CA ARG A 145 -8.60 6.99 7.06
C ARG A 145 -7.95 8.26 7.61
N GLY A 146 -7.29 8.11 8.75
CA GLY A 146 -6.63 9.24 9.38
C GLY A 146 -5.60 9.85 8.45
N GLN A 147 -4.72 9.00 7.92
CA GLN A 147 -3.69 9.46 6.98
C GLN A 147 -4.37 10.14 5.77
N GLY A 148 -5.47 9.57 5.29
CA GLY A 148 -6.17 10.21 4.16
C GLY A 148 -6.54 11.66 4.45
N LEU A 149 -7.14 11.91 5.62
CA LEU A 149 -7.51 13.28 6.03
C LEU A 149 -6.27 14.21 6.20
N ASP A 150 -5.26 13.74 6.91
CA ASP A 150 -4.06 14.57 7.11
C ASP A 150 -3.47 15.00 5.75
N ILE A 151 -3.37 14.05 4.84
CA ILE A 151 -2.86 14.34 3.51
C ILE A 151 -3.83 15.25 2.70
N TYR A 152 -5.13 15.00 2.78
CA TYR A 152 -6.06 15.81 1.99
C TYR A 152 -6.04 17.26 2.44
N TRP A 153 -6.13 17.47 3.76
CA TRP A 153 -6.07 18.82 4.33
C TRP A 153 -4.86 19.57 3.84
N ARG A 154 -3.73 18.88 3.87
CA ARG A 154 -2.45 19.46 3.48
C ARG A 154 -2.33 19.79 1.99
N ASP A 155 -2.60 18.79 1.14
CA ASP A 155 -2.47 18.99 -0.29
C ASP A 155 -3.53 19.88 -0.94
N PHE A 156 -4.69 20.05 -0.29
CA PHE A 156 -5.71 20.91 -0.89
C PHE A 156 -5.94 22.20 -0.12
N LEU A 157 -5.11 22.44 0.88
CA LEU A 157 -5.20 23.67 1.67
C LEU A 157 -5.34 24.82 0.64
N PRO A 158 -6.17 25.84 0.91
CA PRO A 158 -7.04 26.15 2.05
C PRO A 158 -8.47 25.61 1.89
N GLU A 159 -8.66 24.59 1.06
CA GLU A 159 -10.01 24.06 0.88
C GLU A 159 -10.65 23.71 2.25
N ILE A 160 -9.89 23.09 3.13
CA ILE A 160 -10.42 22.74 4.42
C ILE A 160 -9.45 23.17 5.52
N ILE A 161 -9.91 24.04 6.42
CA ILE A 161 -9.07 24.46 7.52
C ILE A 161 -9.64 23.63 8.69
N PRO A 162 -8.93 22.59 9.13
CA PRO A 162 -9.48 21.80 10.24
C PRO A 162 -9.44 22.55 11.55
N THR A 163 -10.42 22.26 12.39
CA THR A 163 -10.51 22.84 13.71
C THR A 163 -9.79 21.85 14.65
N GLN A 164 -9.60 22.21 15.91
CA GLN A 164 -8.94 21.34 16.86
C GLN A 164 -9.63 19.99 16.93
N GLU A 165 -10.95 20.01 16.97
CA GLU A 165 -11.72 18.80 17.08
C GLU A 165 -11.50 17.91 15.86
N MET A 166 -11.54 18.49 14.65
CA MET A 166 -11.29 17.67 13.47
C MET A 166 -9.88 17.02 13.54
N TYR A 167 -8.91 17.81 13.99
CA TYR A 167 -7.52 17.34 14.08
C TYR A 167 -7.44 16.12 14.98
N LEU A 168 -8.02 16.24 16.18
CA LEU A 168 -8.00 15.17 17.19
C LEU A 168 -8.67 13.89 16.67
N ASN A 169 -9.77 14.05 15.95
CA ASN A 169 -10.40 12.89 15.38
C ASN A 169 -9.45 12.25 14.37
N MET A 170 -8.86 13.06 13.50
CA MET A 170 -7.94 12.52 12.52
C MET A 170 -6.84 11.71 13.26
N VAL A 171 -6.28 12.27 14.33
CA VAL A 171 -5.24 11.57 15.08
C VAL A 171 -5.74 10.26 15.70
N MET A 172 -6.96 10.28 16.24
CA MET A 172 -7.56 9.08 16.85
C MET A 172 -7.55 7.95 15.84
N ASN A 173 -7.82 8.32 14.58
CA ASN A 173 -7.81 7.35 13.48
C ASN A 173 -6.38 6.97 13.09
N LYS A 174 -5.56 7.94 12.73
CA LYS A 174 -4.20 7.69 12.26
C LYS A 174 -3.24 7.16 13.31
N THR A 175 -2.74 8.01 14.22
CA THR A 175 -1.78 7.53 15.23
C THR A 175 -2.44 6.54 16.20
N GLY A 176 -3.67 6.87 16.56
CA GLY A 176 -4.48 5.99 17.40
C GLY A 176 -4.55 4.60 16.78
N GLY A 177 -4.69 4.52 15.45
CA GLY A 177 -4.72 3.22 14.79
C GLY A 177 -3.55 2.28 15.13
N LEU A 178 -2.32 2.76 14.96
CA LEU A 178 -1.15 1.95 15.27
C LEU A 178 -1.01 1.58 16.79
N PHE A 179 -1.30 2.53 17.68
CA PHE A 179 -1.24 2.26 19.12
C PHE A 179 -2.31 1.25 19.52
N ARG A 180 -3.52 1.45 19.01
CA ARG A 180 -4.63 0.52 19.31
C ARG A 180 -4.40 -0.87 18.70
N LEU A 181 -3.76 -0.93 17.53
CA LEU A 181 -3.53 -2.23 16.89
C LEU A 181 -2.69 -3.09 17.85
N THR A 182 -1.53 -2.58 18.24
CA THR A 182 -0.70 -3.32 19.18
C THR A 182 -1.46 -3.73 20.43
N LEU A 183 -2.05 -2.74 21.10
CA LEU A 183 -2.74 -3.05 22.34
C LEU A 183 -3.87 -4.05 22.23
N ARG A 184 -4.75 -3.84 21.23
CA ARG A 184 -5.87 -4.75 21.03
C ARG A 184 -5.42 -6.20 20.73
N LEU A 185 -4.32 -6.37 20.00
CA LEU A 185 -3.88 -7.72 19.72
C LEU A 185 -3.51 -8.38 21.06
N MET A 186 -2.80 -7.63 21.90
CA MET A 186 -2.38 -8.14 23.17
C MET A 186 -3.57 -8.44 24.07
N GLU A 187 -4.54 -7.51 24.14
CA GLU A 187 -5.69 -7.78 24.99
C GLU A 187 -6.39 -9.04 24.49
N ALA A 188 -6.54 -9.19 23.19
CA ALA A 188 -7.19 -10.39 22.68
C ALA A 188 -6.40 -11.68 22.98
N LEU A 189 -5.07 -11.59 23.07
CA LEU A 189 -4.27 -12.80 23.30
C LEU A 189 -4.06 -13.11 24.78
N SER A 190 -4.29 -12.12 25.64
CA SER A 190 -4.08 -12.31 27.04
C SER A 190 -4.80 -13.56 27.59
N PRO A 191 -4.07 -14.38 28.37
CA PRO A 191 -4.58 -15.61 28.99
C PRO A 191 -5.28 -15.31 30.30
N SER A 192 -5.03 -14.13 30.87
CA SER A 192 -5.62 -13.76 32.15
C SER A 192 -7.13 -13.46 32.10
N HIS A 195 -7.73 -8.99 34.56
CA HIS A 195 -6.58 -8.03 34.66
C HIS A 195 -7.00 -6.55 34.53
N GLY A 196 -8.22 -6.24 34.98
CA GLY A 196 -8.73 -4.88 34.94
C GLY A 196 -9.33 -4.40 33.62
N HIS A 197 -9.91 -3.20 33.66
CA HIS A 197 -10.54 -2.53 32.51
C HIS A 197 -9.64 -2.53 31.26
N SER A 198 -10.25 -2.39 30.08
CA SER A 198 -9.48 -2.35 28.83
C SER A 198 -8.52 -1.14 28.88
N LEU A 199 -7.37 -1.27 28.24
CA LEU A 199 -6.39 -0.19 28.20
C LEU A 199 -6.53 0.63 26.92
N VAL A 200 -7.61 0.43 26.17
CA VAL A 200 -7.77 1.18 24.96
C VAL A 200 -7.85 2.71 25.20
N PRO A 201 -8.58 3.16 26.25
CA PRO A 201 -8.65 4.62 26.46
C PRO A 201 -7.26 5.18 26.73
N PHE A 202 -6.51 4.44 27.54
CA PHE A 202 -5.14 4.80 27.87
C PHE A 202 -4.25 4.86 26.61
N ILE A 203 -4.35 3.83 25.76
CA ILE A 203 -3.49 3.79 24.58
C ILE A 203 -3.87 4.89 23.60
N ASN A 204 -5.15 5.29 23.56
CA ASN A 204 -5.58 6.40 22.69
C ASN A 204 -4.92 7.70 23.19
N LEU A 205 -4.86 7.87 24.50
CA LEU A 205 -4.28 9.08 25.09
C LEU A 205 -2.80 9.09 24.79
N LEU A 206 -2.19 7.92 24.86
CA LEU A 206 -0.78 7.83 24.56
C LEU A 206 -0.53 8.26 23.10
N GLY A 207 -1.38 7.79 22.18
CA GLY A 207 -1.22 8.14 20.76
C GLY A 207 -1.37 9.64 20.53
N ILE A 208 -2.34 10.23 21.23
CA ILE A 208 -2.62 11.67 21.13
C ILE A 208 -1.44 12.49 21.72
N ILE A 209 -0.94 12.12 22.90
CA ILE A 209 0.22 12.86 23.43
C ILE A 209 1.37 12.69 22.46
N TYR A 210 1.57 11.47 21.99
CA TYR A 210 2.66 11.23 21.09
C TYR A 210 2.57 12.16 19.84
N GLN A 211 1.41 12.21 19.22
CA GLN A 211 1.29 13.01 18.00
C GLN A 211 1.46 14.52 18.17
N ILE A 212 0.76 15.08 19.14
CA ILE A 212 0.84 16.51 19.36
C ILE A 212 2.25 16.89 19.81
N ARG A 213 2.91 16.00 20.58
CA ARG A 213 4.28 16.30 21.01
C ARG A 213 5.23 16.23 19.81
N ASP A 214 5.00 15.27 18.91
CA ASP A 214 5.76 15.15 17.70
C ASP A 214 5.62 16.49 16.93
N ASP A 215 4.38 16.94 16.77
CA ASP A 215 4.11 18.20 16.06
C ASP A 215 4.85 19.37 16.72
N TYR A 216 4.74 19.41 18.04
CA TYR A 216 5.34 20.44 18.86
C TYR A 216 6.83 20.51 18.76
N LEU A 217 7.48 19.38 18.97
CA LEU A 217 8.94 19.32 18.94
C LEU A 217 9.57 19.61 17.57
N ASN A 218 8.85 19.26 16.50
CA ASN A 218 9.31 19.53 15.16
C ASN A 218 9.58 21.05 15.01
N LEU A 219 8.77 21.89 15.67
CA LEU A 219 8.90 23.37 15.59
C LEU A 219 9.81 23.94 16.67
N LYS A 220 9.63 23.43 17.88
CA LYS A 220 10.38 23.89 19.05
C LYS A 220 11.86 23.60 18.94
N ASP A 221 12.20 22.43 18.40
CA ASP A 221 13.61 22.05 18.26
C ASP A 221 14.31 23.02 17.33
N PHE A 222 13.60 23.39 16.26
CA PHE A 222 14.13 24.33 15.28
C PHE A 222 14.23 25.70 15.93
N GLN A 223 13.17 26.11 16.59
CA GLN A 223 13.21 27.39 17.27
C GLN A 223 14.45 27.44 18.21
N PHE A 230 14.87 20.43 11.87
CA PHE A 230 14.76 21.41 10.76
C PHE A 230 13.35 21.91 10.44
N ALA A 231 12.38 21.68 11.33
CA ALA A 231 10.98 22.11 11.11
C ALA A 231 10.48 21.63 9.75
N GLU A 232 10.84 20.41 9.39
CA GLU A 232 10.45 19.83 8.12
C GLU A 232 8.91 19.83 7.94
N ASP A 233 8.18 19.83 9.07
CA ASP A 233 6.72 19.86 9.01
C ASP A 233 6.24 21.12 8.32
N ILE A 234 6.99 22.21 8.44
CA ILE A 234 6.58 23.45 7.77
C ILE A 234 6.80 23.27 6.27
N THR A 235 7.93 22.67 5.91
CA THR A 235 8.23 22.45 4.49
C THR A 235 7.16 21.54 3.88
N GLU A 236 6.65 20.61 4.68
CA GLU A 236 5.67 19.69 4.17
C GLU A 236 4.30 20.35 4.06
N GLY A 237 4.07 21.42 4.82
CA GLY A 237 2.78 22.10 4.77
C GLY A 237 1.70 21.46 5.62
N LYS A 238 2.16 20.61 6.53
CA LYS A 238 1.30 19.88 7.45
C LYS A 238 0.34 20.70 8.35
N LEU A 239 -0.91 20.26 8.46
CA LEU A 239 -1.86 20.92 9.37
C LEU A 239 -1.59 20.36 10.75
N SER A 240 -0.47 20.75 11.34
CA SER A 240 -0.04 20.34 12.67
C SER A 240 -0.88 20.95 13.81
N PHE A 241 -0.81 20.36 15.00
CA PHE A 241 -1.59 20.88 16.12
C PHE A 241 -1.35 22.39 16.33
N PRO A 242 -0.06 22.81 16.40
CA PRO A 242 0.19 24.25 16.58
C PRO A 242 -0.39 25.07 15.40
N ILE A 243 -0.24 24.56 14.17
CA ILE A 243 -0.75 25.26 12.98
C ILE A 243 -2.28 25.36 12.98
N VAL A 244 -2.94 24.28 13.41
CA VAL A 244 -4.42 24.26 13.50
C VAL A 244 -4.85 25.34 14.54
N HIS A 245 -4.17 25.39 15.68
CA HIS A 245 -4.49 26.41 16.66
C HIS A 245 -4.29 27.83 16.05
N ALA A 246 -3.16 28.04 15.39
CA ALA A 246 -2.86 29.35 14.82
C ALA A 246 -3.88 29.81 13.80
N LEU A 247 -4.28 28.90 12.93
CA LEU A 247 -5.22 29.23 11.89
C LEU A 247 -6.59 29.55 12.47
N ASN A 248 -7.03 28.80 13.46
CA ASN A 248 -8.32 29.11 14.03
C ASN A 248 -8.24 30.30 14.97
N PHE A 249 -7.12 30.44 15.67
CA PHE A 249 -6.93 31.58 16.55
C PHE A 249 -7.03 32.89 15.70
N THR A 250 -6.26 32.98 14.61
CA THR A 250 -6.25 34.20 13.79
C THR A 250 -7.59 34.52 13.14
N LYS A 251 -8.30 33.49 12.72
CA LYS A 251 -9.62 33.69 12.12
C LYS A 251 -10.54 34.29 13.21
N THR A 252 -10.57 33.64 14.36
CA THR A 252 -11.39 34.06 15.48
C THR A 252 -11.15 35.52 15.87
N LYS A 253 -9.87 35.85 16.03
CA LYS A 253 -9.47 37.18 16.41
C LYS A 253 -9.46 38.17 15.26
N GLY A 254 -9.85 37.74 14.06
CA GLY A 254 -9.85 38.64 12.93
C GLY A 254 -8.49 39.12 12.45
N GLN A 255 -7.41 38.36 12.71
CA GLN A 255 -6.07 38.75 12.23
C GLN A 255 -5.97 38.21 10.80
N THR A 256 -6.57 38.96 9.88
CA THR A 256 -6.62 38.55 8.50
C THR A 256 -5.26 38.38 7.83
N GLU A 257 -4.38 39.35 7.97
CA GLU A 257 -3.06 39.26 7.34
C GLU A 257 -2.22 38.07 7.88
N GLN A 258 -2.24 37.85 9.19
CA GLN A 258 -1.49 36.75 9.80
C GLN A 258 -2.06 35.36 9.35
N HIS A 259 -3.39 35.26 9.33
CA HIS A 259 -4.06 34.05 8.88
C HIS A 259 -3.63 33.73 7.44
N ASN A 260 -3.64 34.75 6.59
CA ASN A 260 -3.23 34.53 5.20
C ASN A 260 -1.72 34.20 5.00
N GLU A 261 -0.89 34.84 5.79
CA GLU A 261 0.54 34.64 5.70
C GLU A 261 0.85 33.20 6.19
N ILE A 262 0.20 32.73 7.24
CA ILE A 262 0.43 31.33 7.67
C ILE A 262 0.14 30.38 6.50
N LEU A 263 -1.02 30.54 5.86
CA LEU A 263 -1.37 29.73 4.70
C LEU A 263 -0.36 29.89 3.56
N ARG A 264 0.10 31.12 3.33
CA ARG A 264 1.06 31.38 2.25
C ARG A 264 2.36 30.63 2.48
N ILE A 265 2.87 30.65 3.69
CA ILE A 265 4.13 30.01 3.96
C ILE A 265 4.00 28.49 3.85
N LEU A 266 2.90 27.94 4.40
CA LEU A 266 2.62 26.50 4.29
C LEU A 266 2.62 26.10 2.83
N LEU A 267 1.90 26.87 2.01
CA LEU A 267 1.82 26.54 0.58
C LEU A 267 3.11 26.73 -0.21
N LEU A 268 4.09 27.49 0.29
CA LEU A 268 5.36 27.56 -0.42
C LEU A 268 6.14 26.20 -0.50
N ARG A 269 5.94 25.32 0.51
CA ARG A 269 6.69 24.06 0.63
C ARG A 269 8.14 24.48 0.68
N THR A 270 8.45 25.46 1.53
CA THR A 270 9.79 26.01 1.56
C THR A 270 10.82 25.39 2.53
N SER A 271 12.10 25.46 2.15
CA SER A 271 13.17 24.97 3.02
C SER A 271 13.97 26.20 3.47
N ASP A 272 13.51 27.39 3.13
CA ASP A 272 14.24 28.58 3.54
C ASP A 272 14.17 28.67 5.08
N LYS A 273 15.32 28.69 5.75
CA LYS A 273 15.30 28.68 7.24
C LYS A 273 14.70 29.90 7.92
N ASP A 274 14.90 31.06 7.29
CA ASP A 274 14.37 32.28 7.82
C ASP A 274 12.86 32.32 7.63
N ILE A 275 12.37 31.80 6.51
CA ILE A 275 10.93 31.80 6.29
C ILE A 275 10.32 30.85 7.30
N LYS A 276 10.97 29.70 7.53
CA LYS A 276 10.43 28.77 8.54
C LYS A 276 10.47 29.41 9.92
N LEU A 277 11.56 30.09 10.27
CA LEU A 277 11.65 30.75 11.57
C LEU A 277 10.58 31.85 11.74
N LYS A 278 10.30 32.56 10.64
CA LYS A 278 9.26 33.61 10.69
C LYS A 278 7.92 32.98 11.11
N LEU A 279 7.54 31.89 10.46
CA LEU A 279 6.30 31.23 10.77
C LEU A 279 6.29 30.77 12.24
N ILE A 280 7.40 30.14 12.67
CA ILE A 280 7.48 29.70 14.05
C ILE A 280 7.31 30.85 15.07
N GLN A 281 7.94 32.01 14.80
CA GLN A 281 7.84 33.14 15.70
C GLN A 281 6.48 33.80 15.67
N ILE A 282 5.75 33.63 14.56
CA ILE A 282 4.39 34.15 14.49
C ILE A 282 3.60 33.27 15.51
N LEU A 283 3.75 31.95 15.43
CA LEU A 283 3.07 31.08 16.37
C LEU A 283 3.53 31.41 17.81
N GLU A 284 4.78 31.85 17.97
CA GLU A 284 5.32 32.17 19.28
C GLU A 284 4.76 33.43 19.98
N PHE A 285 4.85 34.59 19.30
CA PHE A 285 4.42 35.87 19.85
C PHE A 285 3.09 36.39 19.37
N ASP A 286 2.65 35.91 18.21
CA ASP A 286 1.41 36.42 17.65
C ASP A 286 0.15 35.63 17.95
N THR A 287 0.25 34.31 17.92
CA THR A 287 -0.94 33.50 18.19
C THR A 287 -0.79 32.71 19.47
N ASN A 288 0.41 32.71 20.04
CA ASN A 288 0.72 31.95 21.25
C ASN A 288 0.37 30.47 21.13
N SER A 289 0.61 29.93 19.93
CA SER A 289 0.33 28.54 19.61
C SER A 289 1.34 27.59 20.23
N LEU A 290 2.59 28.02 20.39
CA LEU A 290 3.58 27.13 21.01
C LEU A 290 3.20 26.95 22.48
N ALA A 291 2.92 28.04 23.18
CA ALA A 291 2.52 27.99 24.59
C ALA A 291 1.22 27.18 24.74
N TYR A 292 0.25 27.47 23.90
CA TYR A 292 -1.00 26.77 23.94
C TYR A 292 -0.75 25.27 23.82
N THR A 293 0.02 24.87 22.81
CA THR A 293 0.29 23.46 22.59
C THR A 293 1.02 22.82 23.78
N LYS A 294 2.09 23.47 24.24
CA LYS A 294 2.86 22.96 25.36
C LYS A 294 1.96 22.63 26.58
N ASN A 295 1.10 23.59 26.93
CA ASN A 295 0.16 23.43 28.04
C ASN A 295 -0.89 22.33 27.77
N PHE A 296 -1.28 22.18 26.51
CA PHE A 296 -2.26 21.17 26.13
C PHE A 296 -1.60 19.80 26.32
N ILE A 297 -0.32 19.70 26.00
CA ILE A 297 0.41 18.47 26.17
C ILE A 297 0.52 18.12 27.66
N ASN A 298 0.93 19.10 28.47
CA ASN A 298 1.06 18.88 29.92
C ASN A 298 -0.27 18.44 30.54
N GLN A 299 -1.36 19.06 30.09
CA GLN A 299 -2.70 18.71 30.56
C GLN A 299 -3.03 17.26 30.18
N LEU A 300 -2.62 16.82 29.00
CA LEU A 300 -2.89 15.44 28.61
C LEU A 300 -2.07 14.51 29.51
N VAL A 301 -0.77 14.78 29.63
CA VAL A 301 0.09 13.99 30.45
C VAL A 301 -0.41 14.00 31.92
N ASN A 302 -0.93 15.14 32.38
CA ASN A 302 -1.40 15.20 33.75
C ASN A 302 -2.64 14.33 33.95
N MET A 303 -3.38 14.06 32.87
CA MET A 303 -4.55 13.23 33.00
C MET A 303 -4.11 11.81 33.39
N ILE A 304 -2.86 11.47 33.10
CA ILE A 304 -2.37 10.16 33.46
C ILE A 304 -1.63 10.22 34.77
N LYS A 305 -0.68 11.15 34.88
CA LYS A 305 0.09 11.34 36.11
C LYS A 305 -0.82 11.61 37.33
N ASN A 306 -2.05 12.08 37.08
CA ASN A 306 -2.98 12.33 38.17
C ASN A 306 -4.11 11.32 38.18
N ASP A 307 -3.88 10.18 37.55
CA ASP A 307 -4.87 9.10 37.48
C ASP A 307 -4.65 8.17 38.68
N ASN A 308 -4.78 8.72 39.89
CA ASN A 308 -4.57 7.96 41.12
C ASN A 308 -5.53 6.81 41.32
N GLU A 309 -6.71 6.93 40.71
CA GLU A 309 -7.74 5.89 40.80
C GLU A 309 -7.55 4.88 39.68
N ASN A 310 -6.39 4.91 39.04
CA ASN A 310 -6.08 4.02 37.93
C ASN A 310 -7.27 3.81 37.00
N LYS A 311 -7.88 4.93 36.60
CA LYS A 311 -9.02 4.93 35.69
C LYS A 311 -8.53 4.62 34.27
N TYR A 312 -7.42 5.24 33.91
CA TYR A 312 -6.82 5.05 32.58
C TYR A 312 -5.70 4.05 32.69
N LEU A 313 -4.83 4.25 33.67
CA LEU A 313 -3.72 3.36 33.91
C LEU A 313 -4.29 2.02 34.38
N PRO A 314 -3.51 0.94 34.21
CA PRO A 314 -3.90 -0.42 34.60
C PRO A 314 -4.13 -0.53 36.10
N GLU A 329 7.60 2.49 35.37
CA GLU A 329 8.11 2.27 33.98
C GLU A 329 7.18 2.92 32.96
N LEU A 330 5.87 2.92 33.24
CA LEU A 330 4.89 3.52 32.33
C LEU A 330 5.10 5.02 32.17
N LEU A 331 5.34 5.72 33.28
CA LEU A 331 5.58 7.16 33.22
C LEU A 331 6.91 7.43 32.52
N TYR A 332 7.88 6.55 32.73
CA TYR A 332 9.19 6.67 32.09
C TYR A 332 8.96 6.82 30.60
N ILE A 333 8.23 5.85 30.05
CA ILE A 333 7.87 5.81 28.63
C ILE A 333 7.32 7.17 28.22
N ILE A 334 6.23 7.57 28.89
CA ILE A 334 5.55 8.83 28.62
C ILE A 334 6.50 9.99 28.45
N ASP A 335 7.60 9.99 29.20
CA ASP A 335 8.59 11.06 29.13
C ASP A 335 9.59 10.85 28.01
N HIS A 336 9.71 9.61 27.55
CA HIS A 336 10.63 9.28 26.48
C HIS A 336 9.79 8.78 25.32
N LEU A 337 8.57 9.29 25.29
CA LEU A 337 7.60 8.92 24.27
C LEU A 337 8.08 9.39 22.91
N SER A 338 8.81 10.50 22.91
CA SER A 338 9.35 11.07 21.68
C SER A 338 10.35 10.17 21.02
N GLU A 339 10.75 9.08 21.68
CA GLU A 339 11.72 8.17 21.07
C GLU A 339 11.27 6.74 20.74
N LEU A 340 9.97 6.58 20.48
CA LEU A 340 9.41 5.29 20.12
C LEU A 340 9.58 5.09 18.61
N LYS B 5 -12.93 21.28 31.63
CA LYS B 5 -13.80 20.94 30.46
C LYS B 5 -12.94 20.47 29.30
N MET B 6 -11.65 20.74 29.40
CA MET B 6 -10.71 20.33 28.37
C MET B 6 -10.55 18.83 28.63
N GLU B 7 -10.28 18.50 29.87
CA GLU B 7 -10.10 17.13 30.27
C GLU B 7 -11.38 16.28 30.04
N ALA B 8 -12.54 16.92 30.08
CA ALA B 8 -13.81 16.21 29.87
C ALA B 8 -13.97 15.83 28.39
N LYS B 9 -13.64 16.75 27.51
CA LYS B 9 -13.73 16.44 26.09
C LYS B 9 -12.72 15.33 25.71
N ILE B 10 -11.53 15.36 26.27
CA ILE B 10 -10.53 14.33 25.97
C ILE B 10 -11.03 12.94 26.43
N ASP B 11 -11.69 12.89 27.60
CA ASP B 11 -12.19 11.64 28.16
C ASP B 11 -13.21 11.05 27.21
N GLU B 12 -14.13 11.90 26.77
CA GLU B 12 -15.14 11.46 25.84
C GLU B 12 -14.50 10.88 24.57
N LEU B 13 -13.54 11.61 23.98
CA LEU B 13 -12.86 11.18 22.76
C LEU B 13 -12.12 9.83 22.91
N ILE B 14 -11.31 9.66 23.93
CA ILE B 14 -10.56 8.42 24.07
C ILE B 14 -11.36 7.18 24.47
N ASN B 15 -12.61 7.40 24.93
CA ASN B 15 -13.46 6.28 25.30
C ASN B 15 -14.40 5.88 24.18
N ASN B 16 -14.35 6.61 23.07
CA ASN B 16 -15.22 6.29 21.96
C ASN B 16 -14.31 5.78 20.83
N ASP B 17 -14.95 5.14 19.86
CA ASP B 17 -14.26 4.68 18.68
C ASP B 17 -13.84 5.93 17.90
N PRO B 18 -12.79 5.83 17.07
CA PRO B 18 -12.38 7.02 16.32
C PRO B 18 -13.56 7.53 15.50
N VAL B 19 -13.72 8.85 15.44
CA VAL B 19 -14.82 9.43 14.69
C VAL B 19 -14.48 9.46 13.20
N TRP B 20 -15.45 9.10 12.37
CA TRP B 20 -15.28 9.08 10.92
C TRP B 20 -16.68 9.30 10.33
N SER B 21 -16.81 10.29 9.45
CA SER B 21 -18.10 10.62 8.84
C SER B 21 -18.25 10.17 7.38
N SER B 22 -19.47 10.20 6.84
CA SER B 22 -19.64 9.82 5.45
C SER B 22 -18.96 10.87 4.62
N GLN B 23 -18.93 12.10 5.11
CA GLN B 23 -18.23 13.15 4.35
C GLN B 23 -16.73 12.83 4.28
N ASN B 24 -16.15 12.35 5.39
CA ASN B 24 -14.73 11.97 5.39
C ASN B 24 -14.56 10.84 4.37
N GLU B 25 -15.45 9.84 4.44
CA GLU B 25 -15.43 8.68 3.54
C GLU B 25 -15.40 9.12 2.10
N SER B 26 -16.21 10.12 1.77
CA SER B 26 -16.20 10.59 0.40
C SER B 26 -14.90 11.32 0.06
N LEU B 27 -14.32 12.07 0.98
CA LEU B 27 -13.08 12.75 0.63
C LEU B 27 -12.02 11.74 0.19
N ILE B 28 -11.83 10.71 1.00
CA ILE B 28 -10.79 9.76 0.74
C ILE B 28 -11.04 8.84 -0.42
N SER B 29 -12.29 8.78 -0.83
CA SER B 29 -12.67 7.92 -1.93
C SER B 29 -12.52 8.58 -3.26
N LYS B 30 -12.21 9.87 -3.30
CA LYS B 30 -12.13 10.53 -4.60
C LYS B 30 -11.18 9.92 -5.66
N PRO B 31 -9.92 9.63 -5.30
CA PRO B 31 -9.04 9.06 -6.33
C PRO B 31 -9.54 7.72 -6.81
N TYR B 32 -10.25 7.00 -5.94
CA TYR B 32 -10.78 5.70 -6.32
C TYR B 32 -11.96 5.87 -7.31
N ASN B 33 -12.88 6.74 -6.96
CA ASN B 33 -14.05 6.97 -7.78
C ASN B 33 -13.67 7.44 -9.15
N HIS B 34 -12.57 8.17 -9.25
CA HIS B 34 -12.14 8.64 -10.56
C HIS B 34 -11.80 7.50 -11.52
N ILE B 35 -11.18 6.42 -11.03
CA ILE B 35 -10.84 5.35 -11.94
C ILE B 35 -12.03 4.49 -12.33
N LEU B 36 -13.11 4.54 -11.54
CA LEU B 36 -14.32 3.76 -11.82
C LEU B 36 -14.89 4.13 -13.18
N LEU B 37 -14.67 5.38 -13.59
CA LEU B 37 -15.11 5.85 -14.90
C LEU B 37 -14.42 5.07 -16.04
N LYS B 38 -13.38 4.30 -15.73
CA LYS B 38 -12.71 3.51 -16.78
C LYS B 38 -13.56 2.27 -17.12
N LYS B 41 -15.09 -3.29 -16.73
CA LYS B 41 -15.78 -4.00 -15.61
C LYS B 41 -16.80 -4.96 -16.16
N ASN B 42 -17.33 -4.62 -17.33
CA ASN B 42 -18.32 -5.45 -17.98
C ASN B 42 -17.70 -6.78 -18.39
N PHE B 43 -16.46 -6.75 -18.86
CA PHE B 43 -15.79 -7.98 -19.28
C PHE B 43 -15.26 -8.87 -18.18
N ARG B 44 -14.82 -8.27 -17.08
CA ARG B 44 -14.30 -9.09 -16.00
C ARG B 44 -15.45 -9.75 -15.25
N LEU B 45 -16.58 -9.06 -15.20
CA LEU B 45 -17.76 -9.58 -14.55
C LEU B 45 -18.24 -10.77 -15.38
N ASN B 46 -18.09 -10.66 -16.69
CA ASN B 46 -18.49 -11.73 -17.60
C ASN B 46 -17.65 -12.96 -17.34
N LEU B 47 -16.34 -12.78 -17.21
CA LEU B 47 -15.47 -13.92 -16.93
C LEU B 47 -15.92 -14.61 -15.65
N ILE B 48 -16.29 -13.82 -14.63
CA ILE B 48 -16.74 -14.37 -13.37
C ILE B 48 -18.10 -15.12 -13.52
N VAL B 49 -19.05 -14.49 -14.22
CA VAL B 49 -20.34 -15.14 -14.43
C VAL B 49 -20.09 -16.47 -15.16
N GLN B 50 -19.29 -16.43 -16.22
CA GLN B 50 -19.02 -17.65 -16.96
C GLN B 50 -18.44 -18.75 -16.07
N ILE B 51 -17.41 -18.41 -15.32
CA ILE B 51 -16.80 -19.37 -14.44
C ILE B 51 -17.77 -19.89 -13.39
N ASN B 52 -18.74 -19.08 -12.99
CA ASN B 52 -19.68 -19.52 -11.97
C ASN B 52 -20.60 -20.64 -12.42
N ARG B 53 -20.54 -21.00 -13.69
CA ARG B 53 -21.37 -22.09 -14.20
C ARG B 53 -20.78 -23.40 -13.68
N VAL B 54 -19.48 -23.36 -13.42
CA VAL B 54 -18.75 -24.51 -12.94
C VAL B 54 -18.69 -24.51 -11.42
N MET B 55 -18.74 -23.30 -10.84
CA MET B 55 -18.63 -23.18 -9.39
C MET B 55 -20.00 -23.12 -8.70
N ASN B 56 -20.93 -22.38 -9.30
CA ASN B 56 -22.30 -22.24 -8.78
C ASN B 56 -22.47 -21.57 -7.44
N LEU B 57 -21.83 -20.43 -7.22
CA LEU B 57 -22.01 -19.77 -5.94
C LEU B 57 -23.36 -19.05 -6.04
N PRO B 58 -24.06 -18.92 -4.92
CA PRO B 58 -25.35 -18.21 -4.99
C PRO B 58 -25.05 -16.77 -5.39
N LYS B 59 -25.95 -16.13 -6.11
CA LYS B 59 -25.73 -14.76 -6.60
C LYS B 59 -25.14 -13.75 -5.59
N ASP B 60 -25.69 -13.71 -4.39
CA ASP B 60 -25.22 -12.76 -3.41
C ASP B 60 -23.76 -12.96 -3.01
N GLN B 61 -23.35 -14.20 -2.87
CA GLN B 61 -21.98 -14.50 -2.50
C GLN B 61 -21.10 -14.13 -3.69
N LEU B 62 -21.62 -14.42 -4.88
CA LEU B 62 -20.95 -14.12 -6.13
C LEU B 62 -20.67 -12.63 -6.24
N ALA B 63 -21.67 -11.81 -5.92
CA ALA B 63 -21.52 -10.36 -5.98
C ALA B 63 -20.41 -9.84 -5.03
N ILE B 64 -20.28 -10.43 -3.85
CA ILE B 64 -19.24 -9.96 -2.97
C ILE B 64 -17.86 -10.31 -3.57
N VAL B 65 -17.70 -11.52 -4.13
CA VAL B 65 -16.43 -11.91 -4.75
C VAL B 65 -16.14 -10.83 -5.79
N SER B 66 -17.15 -10.51 -6.60
CA SER B 66 -17.01 -9.52 -7.62
C SER B 66 -16.58 -8.15 -7.06
N GLN B 67 -17.18 -7.72 -5.96
CA GLN B 67 -16.82 -6.46 -5.32
C GLN B 67 -15.37 -6.49 -4.80
N ILE B 68 -14.95 -7.65 -4.27
CA ILE B 68 -13.60 -7.82 -3.73
C ILE B 68 -12.57 -7.68 -4.85
N VAL B 69 -12.84 -8.44 -5.91
CA VAL B 69 -12.04 -8.46 -7.09
C VAL B 69 -12.02 -7.07 -7.76
N GLU B 70 -13.16 -6.36 -7.82
CA GLU B 70 -13.14 -5.01 -8.41
C GLU B 70 -12.28 -4.02 -7.59
N LEU B 71 -12.35 -4.08 -6.25
CA LEU B 71 -11.53 -3.22 -5.40
C LEU B 71 -10.02 -3.43 -5.62
N LEU B 72 -9.60 -4.69 -5.63
CA LEU B 72 -8.19 -5.03 -5.80
C LEU B 72 -7.67 -4.62 -7.17
N HIS B 73 -8.48 -4.91 -8.18
CA HIS B 73 -8.15 -4.59 -9.55
C HIS B 73 -7.93 -3.10 -9.68
N ASN B 74 -8.97 -2.35 -9.34
CA ASN B 74 -8.88 -0.90 -9.44
C ASN B 74 -7.77 -0.28 -8.57
N SER B 75 -7.66 -0.72 -7.33
CA SER B 75 -6.64 -0.15 -6.46
C SER B 75 -5.25 -0.44 -7.00
N SER B 76 -5.04 -1.69 -7.44
CA SER B 76 -3.71 -2.06 -7.91
C SER B 76 -3.34 -1.29 -9.15
N LEU B 77 -4.32 -0.88 -9.96
CA LEU B 77 -4.02 -0.07 -11.14
C LEU B 77 -3.67 1.42 -10.76
N LEU B 78 -4.34 1.95 -9.74
CA LEU B 78 -4.01 3.29 -9.24
C LEU B 78 -2.53 3.29 -8.81
N ILE B 79 -2.10 2.24 -8.10
CA ILE B 79 -0.72 2.13 -7.62
C ILE B 79 0.22 1.92 -8.80
N ASP B 80 -0.16 0.98 -9.67
CA ASP B 80 0.65 0.70 -10.84
C ASP B 80 0.93 1.94 -11.70
N ASP B 81 -0.09 2.78 -11.89
CA ASP B 81 0.09 4.02 -12.67
C ASP B 81 1.05 5.03 -12.02
N ILE B 82 1.08 5.07 -10.71
CA ILE B 82 2.03 5.91 -10.01
C ILE B 82 3.45 5.28 -10.22
N GLU B 83 3.55 3.98 -10.03
CA GLU B 83 4.81 3.27 -10.17
C GLU B 83 5.35 3.33 -11.61
N ASP B 84 4.47 3.55 -12.57
CA ASP B 84 4.90 3.57 -13.97
C ASP B 84 4.98 4.98 -14.50
N ASN B 85 4.60 5.92 -13.66
CA ASN B 85 4.58 7.33 -14.07
C ASN B 85 3.73 7.46 -15.34
N ALA B 86 2.56 6.84 -15.34
CA ALA B 86 1.66 6.85 -16.47
C ALA B 86 0.73 8.06 -16.44
N PRO B 87 0.66 8.80 -17.56
CA PRO B 87 -0.19 9.98 -17.64
C PRO B 87 -1.63 9.62 -18.00
N LEU B 88 -1.83 8.49 -18.66
CA LEU B 88 -3.18 8.13 -19.06
C LEU B 88 -3.49 6.70 -18.77
N ARG B 89 -4.77 6.42 -18.56
CA ARG B 89 -5.27 5.08 -18.30
C ARG B 89 -6.65 5.04 -19.00
N ARG B 90 -6.68 4.31 -20.13
CA ARG B 90 -7.89 4.19 -20.96
C ARG B 90 -8.24 5.55 -21.55
N GLY B 91 -7.22 6.21 -22.09
CA GLY B 91 -7.40 7.51 -22.66
C GLY B 91 -7.73 8.64 -21.71
N GLN B 92 -7.97 8.35 -20.43
CA GLN B 92 -8.29 9.40 -19.44
C GLN B 92 -7.11 9.75 -18.54
N THR B 93 -7.05 10.98 -18.04
CA THR B 93 -5.95 11.39 -17.14
C THR B 93 -5.88 10.47 -15.89
N THR B 94 -4.69 10.05 -15.51
CA THR B 94 -4.58 9.17 -14.33
C THR B 94 -4.93 9.87 -13.03
N SER B 95 -5.40 9.08 -12.07
CA SER B 95 -5.76 9.62 -10.78
C SER B 95 -4.75 10.47 -10.06
N HIS B 96 -3.50 9.98 -10.00
CA HIS B 96 -2.46 10.69 -9.26
C HIS B 96 -2.15 12.06 -9.81
N LEU B 97 -2.37 12.27 -11.12
CA LEU B 97 -2.10 13.59 -11.68
C LEU B 97 -3.18 14.57 -11.25
N ILE B 98 -4.34 14.08 -10.84
CA ILE B 98 -5.40 14.96 -10.41
C ILE B 98 -5.45 15.11 -8.88
N PHE B 99 -5.34 13.99 -8.16
CA PHE B 99 -5.42 14.08 -6.71
C PHE B 99 -4.08 14.11 -6.01
N GLY B 100 -3.01 13.95 -6.79
CA GLY B 100 -1.67 13.92 -6.24
C GLY B 100 -1.27 12.49 -5.93
N VAL B 101 0.03 12.22 -5.97
CA VAL B 101 0.50 10.89 -5.64
C VAL B 101 0.18 10.53 -4.18
N PRO B 102 0.37 11.49 -3.24
CA PRO B 102 0.08 11.11 -1.85
C PRO B 102 -1.32 10.61 -1.58
N SER B 103 -2.33 11.36 -1.97
CA SER B 103 -3.70 10.90 -1.69
C SER B 103 -4.03 9.61 -2.44
N THR B 104 -3.49 9.47 -3.66
CA THR B 104 -3.79 8.30 -4.49
C THR B 104 -3.14 7.06 -3.90
N ILE B 105 -1.92 7.17 -3.36
CA ILE B 105 -1.33 5.97 -2.77
C ILE B 105 -2.19 5.56 -1.57
N ASN B 106 -2.50 6.53 -0.75
CA ASN B 106 -3.26 6.21 0.43
C ASN B 106 -4.66 5.60 0.17
N THR B 107 -5.39 6.19 -0.76
CA THR B 107 -6.72 5.70 -1.11
C THR B 107 -6.64 4.27 -1.68
N ALA B 108 -5.68 4.00 -2.57
CA ALA B 108 -5.55 2.66 -3.15
C ALA B 108 -5.26 1.63 -2.02
N ASN B 109 -4.34 1.98 -1.11
CA ASN B 109 -3.99 1.08 -0.03
C ASN B 109 -5.23 0.95 0.87
N TYR B 110 -5.92 2.06 1.15
CA TYR B 110 -7.14 1.96 1.96
C TYR B 110 -8.10 0.91 1.33
N MET B 111 -8.25 0.94 0.01
CA MET B 111 -9.14 -0.02 -0.63
C MET B 111 -8.70 -1.49 -0.55
N TYR B 112 -7.39 -1.74 -0.43
CA TYR B 112 -6.93 -3.11 -0.28
C TYR B 112 -7.60 -3.64 1.00
N PHE B 113 -7.55 -2.87 2.09
CA PHE B 113 -8.09 -3.32 3.35
C PHE B 113 -9.61 -3.34 3.35
N ARG B 114 -10.26 -2.49 2.56
CA ARG B 114 -11.73 -2.56 2.48
C ARG B 114 -12.04 -3.87 1.79
N ALA B 115 -11.23 -4.24 0.80
CA ALA B 115 -11.44 -5.51 0.11
C ALA B 115 -11.29 -6.65 1.12
N MET B 116 -10.21 -6.60 1.90
CA MET B 116 -9.94 -7.58 2.91
C MET B 116 -11.15 -7.73 3.86
N GLN B 117 -11.77 -6.61 4.21
CA GLN B 117 -12.94 -6.64 5.10
C GLN B 117 -14.13 -7.41 4.45
N LEU B 118 -14.34 -7.23 3.16
CA LEU B 118 -15.44 -7.92 2.48
C LEU B 118 -15.28 -9.45 2.50
N VAL B 119 -14.04 -9.93 2.63
CA VAL B 119 -13.86 -11.36 2.65
C VAL B 119 -14.66 -11.97 3.80
N SER B 120 -14.79 -11.20 4.90
CA SER B 120 -15.52 -11.64 6.10
C SER B 120 -17.00 -11.85 5.79
N GLN B 121 -17.48 -11.21 4.76
CA GLN B 121 -18.87 -11.36 4.45
C GLN B 121 -19.16 -12.45 3.42
N LEU B 122 -18.17 -13.29 3.15
CA LEU B 122 -18.39 -14.38 2.22
C LEU B 122 -18.92 -15.60 2.97
N THR B 123 -18.54 -15.73 4.24
CA THR B 123 -18.97 -16.87 5.06
C THR B 123 -18.81 -16.56 6.54
N THR B 124 -19.50 -17.34 7.40
CA THR B 124 -19.37 -17.18 8.84
C THR B 124 -18.70 -18.45 9.37
N LYS B 125 -18.51 -19.45 8.50
CA LYS B 125 -17.84 -20.68 8.94
C LYS B 125 -16.34 -20.40 9.15
N GLU B 126 -15.88 -20.45 10.41
CA GLU B 126 -14.48 -20.16 10.77
C GLU B 126 -13.40 -20.90 9.98
N PRO B 127 -13.67 -22.17 9.62
CA PRO B 127 -12.65 -22.89 8.87
C PRO B 127 -12.59 -22.27 7.48
N LEU B 128 -13.75 -22.22 6.81
CA LEU B 128 -13.80 -21.66 5.48
C LEU B 128 -13.28 -20.22 5.45
N TYR B 129 -13.63 -19.42 6.45
CA TYR B 129 -13.17 -18.04 6.47
C TYR B 129 -11.66 -17.94 6.44
N HIS B 130 -11.02 -18.77 7.28
CA HIS B 130 -9.59 -18.75 7.38
C HIS B 130 -8.97 -19.09 6.01
N ASN B 131 -9.60 -20.00 5.30
CA ASN B 131 -9.11 -20.39 4.00
C ASN B 131 -9.14 -19.26 3.03
N LEU B 132 -10.26 -18.53 3.05
CA LEU B 132 -10.45 -17.43 2.18
C LEU B 132 -9.42 -16.35 2.43
N ILE B 133 -9.15 -16.02 3.70
CA ILE B 133 -8.17 -14.99 4.05
C ILE B 133 -6.80 -15.48 3.58
N THR B 134 -6.53 -16.76 3.83
CA THR B 134 -5.27 -17.33 3.41
C THR B 134 -5.11 -17.18 1.89
N ILE B 135 -6.20 -17.40 1.12
CA ILE B 135 -6.10 -17.27 -0.34
C ILE B 135 -5.78 -15.83 -0.73
N PHE B 136 -6.56 -14.89 -0.18
CA PHE B 136 -6.41 -13.46 -0.37
C PHE B 136 -4.95 -13.05 -0.07
N ASN B 137 -4.49 -13.45 1.11
CA ASN B 137 -3.18 -13.10 1.57
C ASN B 137 -2.11 -13.62 0.62
N GLU B 138 -2.13 -14.91 0.33
CA GLU B 138 -1.14 -15.53 -0.55
C GLU B 138 -1.05 -14.86 -1.94
N GLU B 139 -2.20 -14.60 -2.57
CA GLU B 139 -2.15 -13.99 -3.90
C GLU B 139 -1.72 -12.53 -3.89
N LEU B 140 -2.08 -11.78 -2.84
CA LEU B 140 -1.63 -10.39 -2.76
C LEU B 140 -0.12 -10.42 -2.54
N ILE B 141 0.34 -11.41 -1.80
CA ILE B 141 1.78 -11.55 -1.63
C ILE B 141 2.43 -11.81 -3.00
N ASN B 142 1.87 -12.75 -3.77
CA ASN B 142 2.42 -13.06 -5.08
C ASN B 142 2.37 -11.87 -6.05
N LEU B 143 1.25 -11.12 -6.03
CA LEU B 143 1.07 -9.97 -6.89
C LEU B 143 2.20 -8.98 -6.61
N HIS B 144 2.48 -8.76 -5.32
CA HIS B 144 3.53 -7.83 -4.94
C HIS B 144 4.94 -8.27 -5.27
N ARG B 145 5.22 -9.57 -5.18
CA ARG B 145 6.55 -10.08 -5.55
C ARG B 145 6.73 -9.86 -7.04
N GLY B 146 5.72 -10.28 -7.78
CA GLY B 146 5.77 -10.12 -9.23
C GLY B 146 5.97 -8.68 -9.67
N GLN B 147 5.18 -7.79 -9.11
CA GLN B 147 5.31 -6.35 -9.40
C GLN B 147 6.71 -5.86 -9.00
N GLY B 148 7.13 -6.25 -7.80
CA GLY B 148 8.44 -5.85 -7.30
C GLY B 148 9.58 -6.25 -8.23
N LEU B 149 9.52 -7.44 -8.80
CA LEU B 149 10.56 -7.95 -9.68
C LEU B 149 10.50 -7.23 -11.02
N ASP B 150 9.27 -7.01 -11.51
CA ASP B 150 9.07 -6.29 -12.78
C ASP B 150 9.69 -4.85 -12.66
N ILE B 151 9.33 -4.15 -11.60
CA ILE B 151 9.85 -2.81 -11.32
C ILE B 151 11.38 -2.87 -11.09
N TYR B 152 11.85 -3.93 -10.42
CA TYR B 152 13.27 -3.98 -10.18
C TYR B 152 14.03 -4.07 -11.51
N TRP B 153 13.58 -4.97 -12.38
CA TRP B 153 14.27 -5.11 -13.64
C TRP B 153 14.30 -3.80 -14.40
N ARG B 154 13.17 -3.12 -14.42
CA ARG B 154 13.08 -1.86 -15.14
C ARG B 154 13.98 -0.78 -14.53
N ASP B 155 13.95 -0.62 -13.21
CA ASP B 155 14.73 0.41 -12.55
C ASP B 155 16.22 0.17 -12.34
N PHE B 156 16.65 -1.07 -12.47
CA PHE B 156 18.04 -1.37 -12.29
C PHE B 156 18.68 -1.66 -13.64
N LEU B 157 17.88 -1.66 -14.71
CA LEU B 157 18.44 -1.92 -16.04
C LEU B 157 19.61 -0.94 -16.20
N PRO B 158 20.70 -1.37 -16.84
CA PRO B 158 20.90 -2.68 -17.42
C PRO B 158 21.63 -3.64 -16.50
N GLU B 159 21.36 -3.63 -15.18
CA GLU B 159 22.06 -4.55 -14.27
C GLU B 159 21.65 -6.02 -14.49
N ILE B 160 20.39 -6.26 -14.78
CA ILE B 160 19.90 -7.60 -15.01
C ILE B 160 19.02 -7.65 -16.23
N ILE B 161 19.28 -8.59 -17.11
CA ILE B 161 18.43 -8.69 -18.26
C ILE B 161 17.75 -10.04 -18.12
N PRO B 162 16.44 -10.02 -17.87
CA PRO B 162 15.78 -11.32 -17.73
C PRO B 162 15.70 -12.13 -19.00
N THR B 163 15.63 -13.43 -18.81
CA THR B 163 15.44 -14.32 -19.93
C THR B 163 13.92 -14.53 -19.95
N GLN B 164 13.48 -15.22 -21.00
CA GLN B 164 12.09 -15.57 -21.21
C GLN B 164 11.57 -16.34 -20.00
N GLU B 165 12.35 -17.31 -19.52
CA GLU B 165 11.92 -18.06 -18.34
C GLU B 165 11.73 -17.15 -17.11
N MET B 166 12.70 -16.28 -16.82
CA MET B 166 12.56 -15.38 -15.67
C MET B 166 11.30 -14.52 -15.88
N TYR B 167 11.11 -14.03 -17.10
CA TYR B 167 9.93 -13.22 -17.44
C TYR B 167 8.65 -14.01 -17.13
N LEU B 168 8.60 -15.26 -17.58
CA LEU B 168 7.38 -16.06 -17.33
C LEU B 168 7.14 -16.29 -15.84
N ASN B 169 8.19 -16.43 -15.03
CA ASN B 169 7.92 -16.62 -13.60
C ASN B 169 7.39 -15.33 -12.96
N MET B 170 7.92 -14.18 -13.39
CA MET B 170 7.47 -12.88 -12.89
C MET B 170 5.96 -12.73 -13.23
N VAL B 171 5.57 -13.09 -14.44
CA VAL B 171 4.18 -13.00 -14.83
C VAL B 171 3.26 -13.93 -13.96
N MET B 172 3.73 -15.16 -13.71
CA MET B 172 2.95 -16.10 -12.92
C MET B 172 2.65 -15.43 -11.54
N ASN B 173 3.62 -14.70 -11.00
CA ASN B 173 3.44 -14.01 -9.72
C ASN B 173 2.49 -12.80 -9.79
N LYS B 174 2.84 -11.85 -10.65
CA LYS B 174 2.14 -10.59 -10.86
C LYS B 174 0.74 -10.80 -11.43
N THR B 175 0.67 -11.00 -12.74
CA THR B 175 -0.63 -11.15 -13.40
C THR B 175 -1.36 -12.39 -12.94
N GLY B 176 -0.62 -13.46 -12.69
CA GLY B 176 -1.25 -14.67 -12.23
C GLY B 176 -1.93 -14.54 -10.85
N GLY B 177 -1.37 -13.67 -10.01
CA GLY B 177 -1.91 -13.44 -8.68
C GLY B 177 -3.36 -13.01 -8.66
N LEU B 178 -3.66 -12.00 -9.47
CA LEU B 178 -5.02 -11.46 -9.62
C LEU B 178 -5.98 -12.49 -10.19
N PHE B 179 -5.55 -13.19 -11.23
CA PHE B 179 -6.39 -14.22 -11.84
C PHE B 179 -6.68 -15.36 -10.85
N ARG B 180 -5.64 -15.92 -10.26
CA ARG B 180 -5.80 -17.01 -9.32
C ARG B 180 -6.59 -16.60 -8.08
N LEU B 181 -6.48 -15.33 -7.69
CA LEU B 181 -7.21 -14.89 -6.49
C LEU B 181 -8.72 -15.03 -6.75
N THR B 182 -9.20 -14.47 -7.86
CA THR B 182 -10.62 -14.55 -8.22
C THR B 182 -11.10 -16.02 -8.29
N LEU B 183 -10.33 -16.82 -9.01
CA LEU B 183 -10.66 -18.23 -9.20
C LEU B 183 -10.61 -19.07 -7.91
N ARG B 184 -9.51 -18.96 -7.16
CA ARG B 184 -9.38 -19.75 -5.93
C ARG B 184 -10.46 -19.47 -4.89
N LEU B 185 -10.92 -18.22 -4.82
CA LEU B 185 -11.95 -17.84 -3.88
C LEU B 185 -13.22 -18.54 -4.35
N MET B 186 -13.50 -18.42 -5.64
CA MET B 186 -14.66 -19.06 -6.23
C MET B 186 -14.64 -20.59 -6.03
N GLU B 187 -13.48 -21.23 -6.21
CA GLU B 187 -13.40 -22.67 -5.99
C GLU B 187 -13.55 -23.03 -4.52
N ALA B 188 -13.08 -22.17 -3.61
CA ALA B 188 -13.21 -22.51 -2.20
C ALA B 188 -14.67 -22.41 -1.74
N LEU B 189 -15.43 -21.57 -2.43
CA LEU B 189 -16.81 -21.33 -2.08
C LEU B 189 -17.82 -22.25 -2.75
N SER B 190 -17.42 -22.88 -3.85
CA SER B 190 -18.32 -23.76 -4.59
C SER B 190 -19.06 -24.80 -3.77
N PRO B 191 -20.39 -24.80 -3.81
CA PRO B 191 -21.20 -25.75 -3.07
C PRO B 191 -21.31 -27.01 -3.91
N SER B 192 -20.47 -27.10 -4.94
CA SER B 192 -20.48 -28.25 -5.86
C SER B 192 -19.34 -29.25 -5.62
N HIS B 195 -17.19 -30.41 -9.22
CA HIS B 195 -17.20 -29.53 -10.44
C HIS B 195 -15.99 -29.75 -11.38
N GLY B 196 -15.40 -30.95 -11.33
CA GLY B 196 -14.26 -31.25 -12.18
C GLY B 196 -12.93 -30.83 -11.58
N HIS B 197 -11.84 -31.06 -12.31
CA HIS B 197 -10.49 -30.68 -11.87
C HIS B 197 -10.43 -29.14 -11.69
N SER B 198 -9.53 -28.68 -10.83
CA SER B 198 -9.39 -27.24 -10.58
C SER B 198 -9.06 -26.49 -11.85
N LEU B 199 -9.60 -25.28 -11.96
CA LEU B 199 -9.33 -24.43 -13.12
C LEU B 199 -8.11 -23.48 -12.91
N VAL B 200 -7.30 -23.73 -11.90
CA VAL B 200 -6.14 -22.85 -11.65
C VAL B 200 -5.12 -22.88 -12.81
N PRO B 201 -4.72 -24.08 -13.29
CA PRO B 201 -3.77 -24.14 -14.42
C PRO B 201 -4.35 -23.33 -15.59
N PHE B 202 -5.66 -23.45 -15.81
CA PHE B 202 -6.31 -22.70 -16.89
C PHE B 202 -6.31 -21.19 -16.66
N ILE B 203 -6.52 -20.76 -15.42
CA ILE B 203 -6.55 -19.32 -15.16
C ILE B 203 -5.12 -18.73 -15.24
N ASN B 204 -4.12 -19.54 -14.92
CA ASN B 204 -2.70 -19.14 -15.02
C ASN B 204 -2.38 -18.82 -16.49
N LEU B 205 -2.84 -19.74 -17.37
CA LEU B 205 -2.59 -19.64 -18.79
C LEU B 205 -3.25 -18.38 -19.33
N LEU B 206 -4.47 -18.11 -18.88
CA LEU B 206 -5.19 -16.91 -19.26
C LEU B 206 -4.41 -15.67 -18.87
N GLY B 207 -3.88 -15.72 -17.65
CA GLY B 207 -3.10 -14.60 -17.14
C GLY B 207 -1.85 -14.38 -17.98
N ILE B 208 -1.18 -15.45 -18.40
CA ILE B 208 0.03 -15.32 -19.17
C ILE B 208 -0.30 -14.77 -20.55
N ILE B 209 -1.37 -15.33 -21.13
CA ILE B 209 -1.79 -14.86 -22.43
C ILE B 209 -2.16 -13.38 -22.27
N TYR B 210 -2.87 -13.07 -21.20
CA TYR B 210 -3.27 -11.69 -21.01
C TYR B 210 -2.08 -10.75 -20.95
N GLN B 211 -1.04 -11.12 -20.20
CA GLN B 211 0.09 -10.20 -20.06
C GLN B 211 0.94 -10.03 -21.33
N ILE B 212 1.21 -11.14 -22.01
CA ILE B 212 2.01 -11.06 -23.26
C ILE B 212 1.29 -10.28 -24.32
N ARG B 213 -0.03 -10.47 -24.43
CA ARG B 213 -0.85 -9.74 -25.40
C ARG B 213 -0.86 -8.25 -25.04
N ASP B 214 -0.95 -7.96 -23.74
CA ASP B 214 -0.88 -6.60 -23.29
C ASP B 214 0.49 -6.04 -23.74
N ASP B 215 1.59 -6.72 -23.43
CA ASP B 215 2.90 -6.23 -23.90
C ASP B 215 2.94 -6.12 -25.45
N TYR B 216 2.41 -7.14 -26.12
CA TYR B 216 2.42 -7.15 -27.59
C TYR B 216 1.65 -5.96 -28.18
N LEU B 217 0.40 -5.78 -27.79
CA LEU B 217 -0.42 -4.67 -28.33
C LEU B 217 0.10 -3.28 -28.03
N ASN B 218 0.76 -3.11 -26.89
CA ASN B 218 1.31 -1.79 -26.57
C ASN B 218 2.25 -1.38 -27.71
N LEU B 219 3.08 -2.30 -28.18
CA LEU B 219 4.01 -1.99 -29.29
C LEU B 219 3.33 -2.06 -30.67
N LYS B 220 2.43 -3.02 -30.86
CA LYS B 220 1.74 -3.17 -32.13
C LYS B 220 0.79 -2.02 -32.46
N ASP B 221 0.01 -1.56 -31.49
CA ASP B 221 -0.91 -0.45 -31.73
C ASP B 221 -0.13 0.77 -32.20
N PHE B 222 1.07 0.97 -31.65
CA PHE B 222 1.89 2.12 -32.05
C PHE B 222 2.42 1.92 -33.48
N GLN B 223 2.80 0.68 -33.79
CA GLN B 223 3.32 0.38 -35.12
C GLN B 223 2.27 0.61 -36.24
N PHE B 230 0.37 4.69 -28.46
CA PHE B 230 1.54 5.51 -28.01
C PHE B 230 2.81 4.74 -27.59
N ALA B 231 2.70 3.42 -27.42
CA ALA B 231 3.84 2.61 -27.01
C ALA B 231 4.49 3.13 -25.71
N GLU B 232 3.66 3.43 -24.71
CA GLU B 232 4.11 3.93 -23.41
C GLU B 232 5.09 2.98 -22.72
N ASP B 233 4.98 1.69 -23.00
CA ASP B 233 5.91 0.73 -22.41
C ASP B 233 7.38 1.12 -22.71
N ILE B 234 7.64 1.71 -23.88
CA ILE B 234 9.01 2.09 -24.27
C ILE B 234 9.41 3.22 -23.37
N THR B 235 8.54 4.22 -23.27
CA THR B 235 8.85 5.37 -22.45
C THR B 235 9.13 4.91 -21.04
N GLU B 236 8.40 3.88 -20.58
CA GLU B 236 8.56 3.37 -19.25
C GLU B 236 9.87 2.60 -19.03
N GLY B 237 10.39 1.99 -20.10
CA GLY B 237 11.65 1.26 -20.00
C GLY B 237 11.41 -0.17 -19.59
N LYS B 238 10.15 -0.59 -19.59
CA LYS B 238 9.68 -1.92 -19.20
C LYS B 238 10.34 -3.13 -19.87
N LEU B 239 10.65 -4.18 -19.10
CA LEU B 239 11.21 -5.40 -19.72
C LEU B 239 10.04 -6.21 -20.25
N SER B 240 9.37 -5.69 -21.31
CA SER B 240 8.22 -6.39 -21.93
C SER B 240 8.63 -7.74 -22.57
N PHE B 241 7.66 -8.63 -22.83
CA PHE B 241 7.95 -9.90 -23.49
C PHE B 241 8.72 -9.70 -24.87
N PRO B 242 8.28 -8.74 -25.70
CA PRO B 242 9.02 -8.59 -26.96
C PRO B 242 10.43 -8.04 -26.71
N ILE B 243 10.57 -7.16 -25.71
CA ILE B 243 11.88 -6.58 -25.41
C ILE B 243 12.82 -7.69 -24.84
N VAL B 244 12.27 -8.59 -24.05
CA VAL B 244 13.05 -9.66 -23.45
C VAL B 244 13.54 -10.55 -24.60
N HIS B 245 12.66 -10.82 -25.57
CA HIS B 245 13.04 -11.63 -26.68
C HIS B 245 14.21 -10.96 -27.46
N ALA B 246 14.03 -9.70 -27.87
CA ALA B 246 15.04 -8.94 -28.59
C ALA B 246 16.39 -8.82 -27.88
N LEU B 247 16.39 -8.56 -26.57
CA LEU B 247 17.64 -8.43 -25.85
C LEU B 247 18.38 -9.75 -25.87
N ASN B 248 17.68 -10.84 -25.63
CA ASN B 248 18.38 -12.12 -25.63
C ASN B 248 18.74 -12.62 -27.05
N PHE B 249 17.98 -12.17 -28.04
CA PHE B 249 18.24 -12.53 -29.44
C PHE B 249 19.54 -11.86 -29.89
N THR B 250 19.67 -10.56 -29.63
CA THR B 250 20.87 -9.84 -30.03
C THR B 250 22.08 -10.37 -29.28
N LYS B 251 21.90 -10.67 -27.99
CA LYS B 251 22.99 -11.21 -27.19
C LYS B 251 23.48 -12.48 -27.88
N THR B 252 22.58 -13.46 -27.97
CA THR B 252 22.83 -14.75 -28.60
C THR B 252 23.52 -14.71 -29.97
N LYS B 253 23.14 -13.77 -30.81
CA LYS B 253 23.70 -13.65 -32.16
C LYS B 253 24.95 -12.79 -32.19
N GLY B 254 25.39 -12.33 -31.02
CA GLY B 254 26.57 -11.50 -30.92
C GLY B 254 26.35 -10.15 -31.55
N GLN B 255 25.10 -9.72 -31.67
CA GLN B 255 24.76 -8.42 -32.27
C GLN B 255 24.89 -7.27 -31.25
N THR B 256 26.13 -7.05 -30.86
CA THR B 256 26.50 -6.05 -29.90
C THR B 256 25.87 -4.66 -30.02
N GLU B 257 26.02 -4.03 -31.18
CA GLU B 257 25.49 -2.69 -31.39
C GLU B 257 23.97 -2.61 -31.19
N GLN B 258 23.24 -3.55 -31.80
CA GLN B 258 21.78 -3.64 -31.68
C GLN B 258 21.35 -3.87 -30.23
N HIS B 259 22.05 -4.79 -29.57
CA HIS B 259 21.77 -5.11 -28.19
C HIS B 259 21.87 -3.81 -27.37
N ASN B 260 23.02 -3.13 -27.46
CA ASN B 260 23.25 -1.88 -26.75
C ASN B 260 22.26 -0.78 -27.18
N GLU B 261 21.87 -0.74 -28.45
CA GLU B 261 20.90 0.27 -28.88
C GLU B 261 19.51 0.06 -28.24
N ILE B 262 19.08 -1.19 -28.04
CA ILE B 262 17.78 -1.44 -27.43
C ILE B 262 17.86 -0.88 -26.01
N LEU B 263 18.94 -1.23 -25.32
CA LEU B 263 19.19 -0.75 -23.98
C LEU B 263 19.18 0.76 -23.93
N ARG B 264 19.86 1.41 -24.88
CA ARG B 264 19.94 2.85 -24.89
C ARG B 264 18.59 3.51 -25.02
N ILE B 265 17.74 2.98 -25.88
CA ILE B 265 16.42 3.57 -26.06
C ILE B 265 15.58 3.39 -24.81
N LEU B 266 15.56 2.17 -24.27
CA LEU B 266 14.83 1.90 -23.03
C LEU B 266 15.29 2.85 -21.92
N LEU B 267 16.60 3.06 -21.83
CA LEU B 267 17.15 3.92 -20.80
C LEU B 267 16.85 5.41 -20.99
N LEU B 268 16.50 5.83 -22.20
CA LEU B 268 16.17 7.25 -22.43
C LEU B 268 14.91 7.69 -21.72
N ARG B 269 14.06 6.72 -21.38
CA ARG B 269 12.73 7.03 -20.82
C ARG B 269 12.15 8.07 -21.83
N THR B 270 12.17 7.74 -23.12
CA THR B 270 11.71 8.71 -24.12
C THR B 270 10.22 8.70 -24.56
N SER B 271 9.69 9.89 -24.82
CA SER B 271 8.33 10.11 -25.34
C SER B 271 8.48 10.50 -26.82
N ASP B 272 9.71 10.61 -27.29
CA ASP B 272 9.97 10.97 -28.69
C ASP B 272 9.49 9.91 -29.69
N LYS B 273 8.44 10.24 -30.42
CA LYS B 273 7.85 9.36 -31.42
C LYS B 273 8.88 8.72 -32.35
N ASP B 274 9.79 9.53 -32.89
CA ASP B 274 10.81 9.05 -33.81
C ASP B 274 11.72 7.99 -33.21
N ILE B 275 12.11 8.22 -31.96
CA ILE B 275 12.99 7.28 -31.26
C ILE B 275 12.23 6.00 -30.91
N LYS B 276 10.98 6.14 -30.51
CA LYS B 276 10.19 4.94 -30.21
C LYS B 276 10.12 4.08 -31.47
N LEU B 277 9.76 4.70 -32.61
CA LEU B 277 9.67 3.96 -33.89
C LEU B 277 10.96 3.23 -34.23
N LYS B 278 12.10 3.84 -33.91
CA LYS B 278 13.40 3.23 -34.18
C LYS B 278 13.56 1.92 -33.43
N LEU B 279 13.15 1.92 -32.15
CA LEU B 279 13.24 0.69 -31.38
C LEU B 279 12.30 -0.34 -32.07
N ILE B 280 11.14 0.13 -32.53
CA ILE B 280 10.23 -0.76 -33.22
C ILE B 280 10.89 -1.31 -34.52
N GLN B 281 11.62 -0.46 -35.23
CA GLN B 281 12.35 -0.91 -36.43
C GLN B 281 13.30 -2.08 -36.08
N ILE B 282 14.01 -1.97 -34.96
CA ILE B 282 14.94 -3.04 -34.55
C ILE B 282 14.14 -4.31 -34.29
N LEU B 283 13.03 -4.16 -33.58
CA LEU B 283 12.19 -5.32 -33.29
C LEU B 283 11.54 -5.96 -34.54
N GLU B 284 11.17 -5.16 -35.53
CA GLU B 284 10.51 -5.72 -36.70
C GLU B 284 11.55 -6.35 -37.65
N PHE B 285 12.56 -5.58 -38.02
CA PHE B 285 13.61 -6.02 -38.96
C PHE B 285 14.85 -6.77 -38.45
N ASP B 286 15.31 -6.52 -37.22
CA ASP B 286 16.50 -7.22 -36.77
C ASP B 286 16.27 -8.49 -35.96
N THR B 287 15.38 -8.41 -34.98
CA THR B 287 15.14 -9.56 -34.12
C THR B 287 13.81 -10.24 -34.42
N ASN B 288 12.96 -9.57 -35.18
CA ASN B 288 11.64 -10.09 -35.55
C ASN B 288 10.91 -10.50 -34.27
N SER B 289 11.08 -9.68 -33.25
CA SER B 289 10.46 -9.95 -31.96
C SER B 289 8.91 -9.80 -31.96
N LEU B 290 8.33 -8.89 -32.75
CA LEU B 290 6.88 -8.74 -32.74
C LEU B 290 6.19 -9.96 -33.38
N ALA B 291 6.82 -10.52 -34.42
CA ALA B 291 6.28 -11.72 -35.07
C ALA B 291 6.48 -12.90 -34.11
N TYR B 292 7.63 -12.91 -33.44
CA TYR B 292 7.88 -14.00 -32.50
C TYR B 292 6.82 -14.03 -31.37
N THR B 293 6.41 -12.85 -30.92
CA THR B 293 5.43 -12.73 -29.82
C THR B 293 4.04 -13.14 -30.32
N LYS B 294 3.65 -12.60 -31.48
CA LYS B 294 2.37 -12.91 -32.11
C LYS B 294 2.20 -14.43 -32.17
N ASN B 295 3.28 -15.09 -32.55
CA ASN B 295 3.30 -16.53 -32.66
C ASN B 295 3.22 -17.20 -31.28
N PHE B 296 4.02 -16.72 -30.34
CA PHE B 296 4.04 -17.28 -29.00
C PHE B 296 2.64 -17.22 -28.39
N ILE B 297 1.97 -16.07 -28.57
CA ILE B 297 0.60 -15.90 -28.08
C ILE B 297 -0.32 -16.91 -28.76
N ASN B 298 -0.27 -17.01 -30.10
CA ASN B 298 -1.14 -17.97 -30.80
C ASN B 298 -0.97 -19.40 -30.24
N GLN B 299 0.25 -19.82 -29.98
CA GLN B 299 0.46 -21.16 -29.43
C GLN B 299 -0.17 -21.35 -28.06
N LEU B 300 -0.05 -20.33 -27.20
CA LEU B 300 -0.65 -20.42 -25.88
C LEU B 300 -2.14 -20.59 -26.08
N VAL B 301 -2.69 -19.78 -26.99
CA VAL B 301 -4.12 -19.86 -27.24
C VAL B 301 -4.50 -21.21 -27.84
N ASN B 302 -3.72 -21.74 -28.78
CA ASN B 302 -4.05 -23.05 -29.36
C ASN B 302 -3.99 -24.14 -28.29
N MET B 303 -3.22 -23.92 -27.22
CA MET B 303 -3.19 -24.93 -26.18
C MET B 303 -4.59 -25.11 -25.61
N ILE B 304 -5.42 -24.10 -25.73
CA ILE B 304 -6.77 -24.22 -25.21
C ILE B 304 -7.76 -24.61 -26.32
N LYS B 305 -7.59 -24.02 -27.50
CA LYS B 305 -8.45 -24.31 -28.63
C LYS B 305 -8.33 -25.80 -28.94
N ASN B 306 -7.15 -26.34 -28.72
CA ASN B 306 -6.93 -27.74 -28.98
C ASN B 306 -7.04 -28.64 -27.74
N ASP B 307 -7.74 -28.17 -26.70
CA ASP B 307 -7.92 -28.97 -25.47
C ASP B 307 -9.24 -29.77 -25.57
N ASN B 308 -9.26 -30.75 -26.48
CA ASN B 308 -10.45 -31.59 -26.73
C ASN B 308 -10.79 -32.54 -25.60
N GLU B 309 -9.76 -33.04 -24.93
CA GLU B 309 -9.95 -33.95 -23.81
C GLU B 309 -10.18 -33.18 -22.49
N ASN B 310 -10.33 -31.87 -22.60
CA ASN B 310 -10.57 -30.97 -21.46
C ASN B 310 -9.55 -31.09 -20.34
N LYS B 311 -8.27 -31.01 -20.64
CA LYS B 311 -7.32 -31.12 -19.55
C LYS B 311 -7.26 -29.76 -18.84
N TYR B 312 -7.57 -28.70 -19.57
CA TYR B 312 -7.52 -27.35 -19.03
C TYR B 312 -8.92 -26.77 -18.92
N LEU B 313 -9.68 -26.91 -19.99
CA LEU B 313 -11.06 -26.46 -20.06
C LEU B 313 -11.82 -27.23 -19.01
N PRO B 314 -12.96 -26.70 -18.56
CA PRO B 314 -13.67 -27.48 -17.55
C PRO B 314 -14.26 -28.70 -18.26
N LEU B 331 -13.68 -19.25 -24.17
CA LEU B 331 -13.24 -19.28 -25.60
C LEU B 331 -13.37 -17.87 -26.16
N TYR B 332 -14.61 -17.35 -26.14
CA TYR B 332 -14.91 -16.02 -26.61
C TYR B 332 -14.14 -15.03 -25.74
N ILE B 333 -14.05 -15.35 -24.45
CA ILE B 333 -13.34 -14.50 -23.51
C ILE B 333 -11.86 -14.48 -23.82
N ILE B 334 -11.31 -15.61 -24.25
CA ILE B 334 -9.88 -15.69 -24.56
C ILE B 334 -9.49 -14.84 -25.78
N ASP B 335 -10.48 -14.39 -26.54
CA ASP B 335 -10.23 -13.55 -27.71
C ASP B 335 -10.42 -12.07 -27.37
N HIS B 336 -11.16 -11.80 -26.31
CA HIS B 336 -11.43 -10.43 -25.86
C HIS B 336 -10.78 -10.25 -24.50
N LEU B 337 -9.66 -10.95 -24.30
CA LEU B 337 -8.92 -10.91 -23.05
C LEU B 337 -8.32 -9.53 -22.81
#